data_7T89
#
_entry.id   7T89
#
_cell.length_a   42.116
_cell.length_b   95.322
_cell.length_c   125.577
_cell.angle_alpha   90.000
_cell.angle_beta   90.000
_cell.angle_gamma   90.000
#
_symmetry.space_group_name_H-M   'P 21 21 21'
#
loop_
_entity.id
_entity.type
_entity.pdbx_description
1 polymer 'Phycoerythrin alpha subunit 1'
2 polymer 'Phycoerythrin beta subunit'
3 non-polymer PHYCOCYANOBILIN
4 non-polymer DiCys-(15,16)-Dihydrobiliverdin
5 water water
#
loop_
_entity_poly.entity_id
_entity_poly.type
_entity_poly.pdbx_seq_one_letter_code
_entity_poly.pdbx_strand_id
1 'polypeptide(L)' KMAKDSKAPVVEIFDERDGCTSAGSTGKASDAGEKGLLVKVSMQKVGYNAIMAKSVAASYMNK A,C
2 'polypeptide(L)'
;MLDAFSKVITSADGKAAYVGGADLQALKKFVSDGNKRMDAVNAIVSNASCIVSDAVSGMVCENPSLIAPNGGVYSNRKMA
ACLRDAEIILRYVSYSLLSGDSSVLEDRCLNGLKETYSSLGVPAAGNARAVAIMKATVNSFINNTAQQKKLSVPSGDCSA
LASEAGGYFDKVTSAIG
;
B,D
#
# COMPACT_ATOMS: atom_id res chain seq x y z
N LYS A 1 -26.95 -16.72 1.92
N LYS A 1 -26.79 -16.89 1.81
CA LYS A 1 -26.65 -15.51 1.12
CA LYS A 1 -26.60 -15.58 1.14
C LYS A 1 -25.31 -14.91 1.55
C LYS A 1 -25.27 -14.96 1.54
N MET A 2 -24.73 -14.10 0.67
CA MET A 2 -23.46 -13.44 0.96
C MET A 2 -23.55 -12.64 2.26
N ALA A 3 -22.40 -12.46 2.88
CA ALA A 3 -22.26 -11.52 3.97
C ALA A 3 -22.36 -10.09 3.46
N LYS A 4 -22.54 -9.18 4.41
CA LYS A 4 -22.74 -7.75 4.16
C LYS A 4 -21.82 -6.90 5.02
N ASP A 5 -20.81 -7.50 5.63
CA ASP A 5 -19.97 -6.84 6.61
C ASP A 5 -18.68 -6.29 6.04
N SER A 6 -18.49 -6.40 4.73
CA SER A 6 -17.28 -5.93 4.06
C SER A 6 -16.01 -6.64 4.53
N LYS A 7 -16.15 -7.80 5.16
N LYS A 7 -16.13 -7.80 5.17
CA LYS A 7 -15.01 -8.55 5.67
CA LYS A 7 -14.97 -8.50 5.68
C LYS A 7 -14.54 -9.56 4.63
C LYS A 7 -14.54 -9.59 4.72
N ALA A 8 -13.23 -9.78 4.61
CA ALA A 8 -12.63 -10.74 3.71
C ALA A 8 -11.47 -11.41 4.41
N PRO A 9 -11.12 -12.63 3.98
CA PRO A 9 -9.98 -13.34 4.56
C PRO A 9 -8.68 -12.74 4.09
N VAL A 10 -7.89 -12.25 5.04
CA VAL A 10 -6.57 -11.69 4.80
C VAL A 10 -5.58 -12.81 5.07
N VAL A 11 -4.95 -13.28 4.02
CA VAL A 11 -3.97 -14.36 4.08
C VAL A 11 -2.59 -13.73 4.03
N GLU A 12 -1.73 -14.09 4.97
N GLU A 12 -1.71 -14.12 4.94
CA GLU A 12 -0.34 -13.65 4.96
CA GLU A 12 -0.33 -13.64 4.98
C GLU A 12 0.55 -14.89 4.96
C GLU A 12 0.61 -14.83 5.03
N ILE A 13 1.57 -14.84 4.12
CA ILE A 13 2.53 -15.92 3.95
C ILE A 13 3.86 -15.47 4.52
N PHE A 14 4.43 -16.26 5.42
CA PHE A 14 5.71 -15.93 6.05
C PHE A 14 6.76 -16.97 5.69
N ASP A 15 7.89 -16.49 5.19
CA ASP A 15 9.06 -17.33 4.90
C ASP A 15 10.27 -16.55 5.39
N GLU A 16 10.71 -16.88 6.60
CA GLU A 16 11.82 -16.23 7.26
C GLU A 16 13.06 -17.12 7.31
N ARG A 17 13.18 -18.03 6.35
CA ARG A 17 14.30 -18.95 6.36
C ARG A 17 15.65 -18.28 6.14
N ASP A 18 15.67 -17.03 5.67
N ASP A 18 15.66 -17.03 5.66
CA ASP A 18 16.95 -16.36 5.56
CA ASP A 18 16.93 -16.31 5.54
C ASP A 18 17.53 -15.96 6.91
C ASP A 18 17.54 -16.01 6.90
N GLY A 19 16.76 -16.11 7.98
CA GLY A 19 17.24 -15.86 9.31
C GLY A 19 16.80 -14.54 9.91
N CYS A 20 16.36 -13.59 9.10
CA CYS A 20 16.03 -12.29 9.67
C CYS A 20 14.84 -12.45 10.61
N THR A 21 15.02 -12.08 11.86
CA THR A 21 14.09 -12.37 12.94
C THR A 21 13.56 -11.09 13.55
N SER A 22 12.26 -11.10 13.86
CA SER A 22 11.61 -10.01 14.57
C SER A 22 10.77 -10.61 15.69
N ALA A 23 10.18 -9.74 16.51
CA ALA A 23 9.42 -10.24 17.66
C ALA A 23 8.35 -11.25 17.24
N GLY A 24 7.64 -10.95 16.15
CA GLY A 24 6.55 -11.81 15.70
C GLY A 24 6.97 -13.15 15.17
N SER A 25 8.28 -13.33 14.93
CA SER A 25 8.82 -14.57 14.38
C SER A 25 8.71 -15.75 15.35
N THR A 26 8.45 -15.49 16.62
CA THR A 26 8.50 -16.53 17.63
C THR A 26 7.23 -16.54 18.47
N GLY A 27 6.67 -17.72 18.65
CA GLY A 27 5.61 -17.92 19.61
C GLY A 27 4.21 -17.92 19.05
N LYS A 28 4.03 -17.70 17.75
CA LYS A 28 2.68 -17.67 17.20
CA LYS A 28 2.68 -17.67 17.20
C LYS A 28 2.16 -19.05 16.87
N ALA A 29 3.04 -20.01 16.61
CA ALA A 29 2.67 -21.39 16.35
C ALA A 29 3.91 -22.24 16.58
N SER A 30 3.70 -23.55 16.74
CA SER A 30 4.82 -24.47 16.73
C SER A 30 5.45 -24.49 15.34
N ASP A 31 6.77 -24.64 15.29
CA ASP A 31 7.48 -24.62 14.01
C ASP A 31 8.08 -25.98 13.63
N ALA A 32 7.73 -27.05 14.34
CA ALA A 32 8.40 -28.34 14.16
C ALA A 32 8.36 -28.77 12.70
N GLY A 33 9.53 -29.09 12.14
CA GLY A 33 9.62 -29.59 10.79
C GLY A 33 9.41 -28.57 9.70
N GLU A 34 9.16 -27.30 10.06
CA GLU A 34 8.85 -26.26 9.08
C GLU A 34 9.45 -24.95 9.57
N LYS A 35 10.74 -24.96 9.90
CA LYS A 35 11.34 -23.79 10.50
C LYS A 35 11.21 -22.58 9.59
N GLY A 36 10.81 -21.45 10.16
CA GLY A 36 10.72 -20.21 9.43
C GLY A 36 9.51 -20.02 8.56
N LEU A 37 8.55 -20.93 8.58
CA LEU A 37 7.42 -20.93 7.65
C LEU A 37 6.10 -20.82 8.41
N LEU A 38 5.17 -20.01 7.89
CA LEU A 38 3.88 -19.88 8.55
C LEU A 38 2.84 -19.30 7.61
N VAL A 39 1.61 -19.78 7.72
CA VAL A 39 0.46 -19.18 7.05
C VAL A 39 -0.44 -18.57 8.14
N LYS A 40 -0.84 -17.32 7.94
CA LYS A 40 -1.74 -16.63 8.84
C LYS A 40 -3.00 -16.24 8.08
N VAL A 41 -4.17 -16.46 8.69
CA VAL A 41 -5.43 -16.01 8.12
C VAL A 41 -6.25 -15.30 9.19
N SER A 42 -6.83 -14.16 8.85
CA SER A 42 -7.77 -13.48 9.72
C SER A 42 -8.84 -12.86 8.85
N MET A 43 -9.99 -12.55 9.44
CA MET A 43 -11.08 -11.90 8.72
C MET A 43 -11.05 -10.44 9.11
N GLN A 44 -10.90 -9.56 8.12
CA GLN A 44 -10.79 -8.13 8.38
CA GLN A 44 -10.79 -8.13 8.38
C GLN A 44 -11.74 -7.36 7.48
N LYS A 45 -12.27 -6.26 8.01
CA LYS A 45 -13.04 -5.34 7.20
C LYS A 45 -12.12 -4.67 6.20
N VAL A 46 -12.51 -4.65 4.93
CA VAL A 46 -11.76 -3.93 3.91
C VAL A 46 -12.22 -2.47 3.93
N GLY A 47 -11.34 -1.55 4.30
N GLY A 47 -11.34 -1.57 4.38
CA GLY A 47 -11.73 -0.16 4.42
CA GLY A 47 -11.68 -0.17 4.56
C GLY A 47 -11.99 0.53 3.08
C GLY A 47 -11.53 0.64 3.28
N TYR A 48 -12.34 1.81 3.17
N TYR A 48 -12.37 1.68 3.14
CA TYR A 48 -12.28 2.71 2.02
CA TYR A 48 -12.23 2.60 2.02
C TYR A 48 -10.94 3.44 2.04
C TYR A 48 -10.86 3.25 2.05
N ASN A 49 -10.32 3.59 0.87
CA ASN A 49 -8.98 4.15 0.73
C ASN A 49 -9.11 5.43 -0.09
N ALA A 50 -9.27 6.56 0.59
CA ALA A 50 -9.51 7.81 -0.10
C ALA A 50 -8.33 8.18 -0.99
N ILE A 51 -7.10 7.96 -0.51
CA ILE A 51 -5.94 8.32 -1.30
C ILE A 51 -5.94 7.55 -2.62
N MET A 52 -6.20 6.23 -2.56
CA MET A 52 -6.21 5.45 -3.78
C MET A 52 -7.38 5.85 -4.68
N ALA A 53 -8.56 6.11 -4.10
CA ALA A 53 -9.69 6.54 -4.91
C ALA A 53 -9.36 7.82 -5.65
N LYS A 54 -8.78 8.79 -4.96
CA LYS A 54 -8.41 10.05 -5.60
C LYS A 54 -7.34 9.83 -6.65
N SER A 55 -6.37 8.95 -6.36
CA SER A 55 -5.30 8.68 -7.31
C SER A 55 -5.83 8.06 -8.59
N VAL A 56 -6.70 7.06 -8.48
CA VAL A 56 -7.26 6.45 -9.68
C VAL A 56 -8.04 7.47 -10.49
N ALA A 57 -8.86 8.29 -9.84
CA ALA A 57 -9.61 9.29 -10.59
C ALA A 57 -8.71 10.22 -11.38
N ALA A 58 -7.55 10.59 -10.82
CA ALA A 58 -6.65 11.52 -11.47
C ALA A 58 -5.67 10.87 -12.42
N SER A 59 -5.50 9.55 -12.36
CA SER A 59 -4.34 8.89 -12.98
C SER A 59 -4.70 7.76 -13.91
N TYR A 60 -5.98 7.38 -14.00
CA TYR A 60 -6.35 6.12 -14.66
C TYR A 60 -5.95 6.08 -16.13
N MET A 61 -5.80 7.24 -16.76
N MET A 61 -5.78 7.25 -16.75
CA MET A 61 -5.49 7.29 -18.17
CA MET A 61 -5.43 7.31 -18.17
C MET A 61 -4.01 7.02 -18.46
C MET A 61 -4.02 6.80 -18.43
N ASN A 62 -3.17 6.79 -17.43
N ASN A 62 -3.18 6.70 -17.40
CA ASN A 62 -1.74 6.48 -17.55
CA ASN A 62 -1.80 6.25 -17.53
C ASN A 62 -1.50 5.02 -17.14
C ASN A 62 -1.71 4.76 -17.22
N LYS A 63 -1.14 4.17 -18.11
N LYS A 63 -0.94 4.04 -18.02
CA LYS A 63 -0.83 2.77 -17.82
CA LYS A 63 -0.74 2.61 -17.81
C LYS A 63 0.31 2.66 -16.80
C LYS A 63 0.39 2.39 -16.82
N ALA B 4 -8.99 -25.12 11.06
CA ALA B 4 -8.44 -23.94 11.72
C ALA B 4 -8.86 -22.67 10.99
N PHE B 5 -8.75 -22.70 9.66
CA PHE B 5 -9.16 -21.53 8.89
C PHE B 5 -10.68 -21.39 8.85
N SER B 6 -11.39 -22.51 8.71
CA SER B 6 -12.85 -22.42 8.71
C SER B 6 -13.37 -21.74 9.97
N LYS B 7 -12.71 -21.97 11.10
N LYS B 7 -12.73 -21.99 11.12
CA LYS B 7 -13.19 -21.41 12.36
CA LYS B 7 -13.21 -21.40 12.36
C LYS B 7 -13.05 -19.89 12.39
C LYS B 7 -13.08 -19.88 12.34
N VAL B 8 -11.96 -19.36 11.84
CA VAL B 8 -11.78 -17.91 11.86
C VAL B 8 -12.65 -17.25 10.79
N ILE B 9 -12.93 -17.93 9.69
N ILE B 9 -12.90 -17.93 9.68
CA ILE B 9 -13.86 -17.39 8.71
CA ILE B 9 -13.83 -17.39 8.69
C ILE B 9 -15.26 -17.32 9.32
C ILE B 9 -15.25 -17.34 9.28
N THR B 10 -15.67 -18.38 10.04
N THR B 10 -15.65 -18.40 9.99
CA THR B 10 -17.01 -18.41 10.59
CA THR B 10 -16.98 -18.46 10.57
C THR B 10 -17.18 -17.44 11.74
C THR B 10 -17.14 -17.41 11.66
N SER B 11 -16.14 -17.29 12.59
N SER B 11 -16.16 -17.30 12.56
CA SER B 11 -16.26 -16.34 13.69
CA SER B 11 -16.28 -16.35 13.66
C SER B 11 -16.22 -14.91 13.15
C SER B 11 -16.21 -14.92 13.17
N ALA B 12 -15.40 -14.66 12.14
CA ALA B 12 -15.30 -13.34 11.51
C ALA B 12 -15.13 -12.24 12.55
N ASP B 13 -14.33 -12.52 13.58
CA ASP B 13 -14.15 -11.63 14.72
C ASP B 13 -12.78 -10.97 14.76
N GLY B 14 -11.96 -11.15 13.74
CA GLY B 14 -10.68 -10.49 13.65
C GLY B 14 -9.50 -11.26 14.23
N LYS B 15 -9.73 -12.24 15.10
N LYS B 15 -9.75 -12.24 15.09
CA LYS B 15 -8.61 -13.00 15.63
CA LYS B 15 -8.67 -13.08 15.60
C LYS B 15 -8.03 -13.91 14.53
C LYS B 15 -8.03 -13.86 14.46
N ALA B 16 -6.71 -14.01 14.50
CA ALA B 16 -6.01 -14.73 13.46
C ALA B 16 -5.80 -16.19 13.84
N ALA B 17 -5.75 -17.05 12.82
CA ALA B 17 -5.22 -18.40 12.93
C ALA B 17 -3.82 -18.41 12.35
N TYR B 18 -2.92 -19.07 13.05
CA TYR B 18 -1.52 -19.20 12.67
C TYR B 18 -1.23 -20.68 12.47
N VAL B 19 -0.77 -21.05 11.27
CA VAL B 19 -0.52 -22.45 10.93
C VAL B 19 0.96 -22.61 10.64
N GLY B 20 1.64 -23.34 11.53
CA GLY B 20 3.05 -23.64 11.39
C GLY B 20 3.31 -25.11 11.70
N GLY B 21 4.55 -25.50 11.54
CA GLY B 21 4.99 -26.77 12.08
C GLY B 21 4.22 -27.94 11.50
N ALA B 22 3.87 -28.90 12.38
CA ALA B 22 3.19 -30.10 11.93
C ALA B 22 1.87 -29.76 11.25
N ASP B 23 1.15 -28.75 11.76
CA ASP B 23 -0.10 -28.36 11.11
C ASP B 23 0.15 -27.87 9.68
N LEU B 24 1.22 -27.10 9.49
CA LEU B 24 1.54 -26.60 8.15
C LEU B 24 1.98 -27.73 7.24
N GLN B 25 2.80 -28.66 7.75
N GLN B 25 2.79 -28.67 7.74
CA GLN B 25 3.17 -29.84 6.96
CA GLN B 25 3.17 -29.82 6.95
C GLN B 25 1.93 -30.57 6.47
C GLN B 25 1.93 -30.58 6.47
N ALA B 26 0.96 -30.75 7.36
CA ALA B 26 -0.25 -31.48 6.99
C ALA B 26 -1.07 -30.69 5.98
N LEU B 27 -1.17 -29.38 6.17
N LEU B 27 -1.20 -29.38 6.17
CA LEU B 27 -1.92 -28.54 5.24
CA LEU B 27 -1.95 -28.57 5.22
C LEU B 27 -1.39 -28.69 3.83
C LEU B 27 -1.39 -28.74 3.81
N LYS B 28 -0.06 -28.65 3.67
CA LYS B 28 0.54 -28.69 2.34
C LYS B 28 0.47 -30.07 1.68
N LYS B 29 0.26 -31.15 2.44
N LYS B 29 0.24 -31.13 2.46
CA LYS B 29 -0.02 -32.44 1.83
CA LYS B 29 0.00 -32.45 1.90
C LYS B 29 -1.50 -32.66 1.55
C LYS B 29 -1.47 -32.66 1.57
N PHE B 30 -2.37 -31.95 2.27
CA PHE B 30 -3.80 -32.06 2.04
C PHE B 30 -4.23 -31.35 0.76
N VAL B 31 -3.77 -30.12 0.56
CA VAL B 31 -4.00 -29.45 -0.70
C VAL B 31 -3.05 -30.04 -1.74
N SER B 32 -3.35 -29.77 -3.01
CA SER B 32 -2.43 -30.20 -4.06
C SER B 32 -1.29 -29.20 -4.25
N ASP B 33 -0.16 -29.69 -4.75
CA ASP B 33 0.98 -28.85 -5.05
C ASP B 33 1.30 -27.89 -3.90
N GLY B 34 1.42 -28.43 -2.69
CA GLY B 34 1.31 -27.61 -1.48
C GLY B 34 2.31 -26.47 -1.37
N ASN B 35 3.61 -26.75 -1.57
CA ASN B 35 4.59 -25.66 -1.47
C ASN B 35 4.41 -24.66 -2.60
N LYS B 36 4.21 -25.12 -3.84
CA LYS B 36 3.96 -24.19 -4.93
C LYS B 36 2.73 -23.34 -4.65
N ARG B 37 1.72 -23.93 -4.01
CA ARG B 37 0.49 -23.22 -3.69
C ARG B 37 0.74 -22.08 -2.72
N MET B 38 1.62 -22.29 -1.74
N MET B 38 1.64 -22.28 -1.75
CA MET B 38 1.98 -21.20 -0.84
CA MET B 38 1.95 -21.18 -0.84
C MET B 38 2.55 -20.04 -1.64
C MET B 38 2.60 -20.03 -1.59
N ASP B 39 3.46 -20.33 -2.56
CA ASP B 39 4.06 -19.30 -3.39
C ASP B 39 3.02 -18.63 -4.28
N ALA B 40 2.08 -19.40 -4.84
CA ALA B 40 1.05 -18.83 -5.69
C ALA B 40 0.17 -17.88 -4.90
N VAL B 41 -0.19 -18.26 -3.68
CA VAL B 41 -0.97 -17.39 -2.81
C VAL B 41 -0.20 -16.11 -2.51
N ASN B 42 1.08 -16.23 -2.16
CA ASN B 42 1.87 -15.05 -1.88
C ASN B 42 1.93 -14.12 -3.10
N ALA B 43 1.99 -14.69 -4.30
CA ALA B 43 2.03 -13.90 -5.52
C ALA B 43 0.80 -13.01 -5.65
N ILE B 44 -0.35 -13.49 -5.16
CA ILE B 44 -1.55 -12.67 -5.13
C ILE B 44 -1.48 -11.67 -3.99
N VAL B 45 -1.40 -12.15 -2.75
CA VAL B 45 -1.68 -11.27 -1.63
C VAL B 45 -0.60 -10.21 -1.45
N SER B 46 0.64 -10.53 -1.77
CA SER B 46 1.71 -9.53 -1.63
C SER B 46 1.62 -8.43 -2.69
N ASN B 47 0.81 -8.64 -3.72
CA ASN B 47 0.56 -7.66 -4.77
C ASN B 47 -0.87 -7.13 -4.75
N ALA B 48 -1.59 -7.28 -3.65
CA ALA B 48 -3.02 -6.99 -3.67
C ALA B 48 -3.33 -5.55 -4.06
N SER B 49 -2.58 -4.57 -3.54
N SER B 49 -2.59 -4.60 -3.50
N SER B 49 -2.59 -4.58 -3.54
CA SER B 49 -2.86 -3.19 -3.90
CA SER B 49 -2.91 -3.19 -3.73
CA SER B 49 -2.85 -3.19 -3.89
C SER B 49 -2.59 -2.94 -5.38
C SER B 49 -2.76 -2.82 -5.21
C SER B 49 -2.55 -2.92 -5.36
N CYS B 50 -1.47 -3.45 -5.89
N CYS B 50 -1.65 -3.23 -5.82
CA CYS B 50 -1.15 -3.34 -7.30
CA CYS B 50 -1.43 -2.88 -7.22
C CYS B 50 -2.28 -3.92 -8.16
C CYS B 50 -2.38 -3.64 -8.15
N ILE B 51 -2.74 -5.13 -7.83
N ILE B 51 -2.71 -4.89 -7.82
CA ILE B 51 -3.76 -5.80 -8.62
CA ILE B 51 -3.65 -5.65 -8.63
C ILE B 51 -5.04 -4.97 -8.66
C ILE B 51 -5.00 -4.94 -8.67
N VAL B 52 -5.49 -4.53 -7.50
CA VAL B 52 -6.77 -3.82 -7.42
C VAL B 52 -6.69 -2.48 -8.14
N SER B 53 -5.64 -1.71 -7.86
N SER B 53 -5.63 -1.71 -7.89
CA SER B 53 -5.53 -0.39 -8.46
CA SER B 53 -5.58 -0.38 -8.47
C SER B 53 -5.48 -0.50 -9.98
C SER B 53 -5.42 -0.43 -9.98
N ASP B 54 -4.64 -1.39 -10.50
CA ASP B 54 -4.49 -1.48 -11.94
C ASP B 54 -5.78 -1.94 -12.61
N ALA B 55 -6.53 -2.85 -11.98
CA ALA B 55 -7.75 -3.36 -12.59
C ALA B 55 -8.84 -2.31 -12.62
N VAL B 56 -9.05 -1.59 -11.51
CA VAL B 56 -10.08 -0.55 -11.50
C VAL B 56 -9.67 0.59 -12.43
N SER B 57 -8.37 0.93 -12.45
CA SER B 57 -7.90 1.95 -13.37
C SER B 57 -8.13 1.55 -14.83
N GLY B 58 -7.89 0.28 -15.16
CA GLY B 58 -8.11 -0.16 -16.54
C GLY B 58 -9.57 -0.18 -16.92
N MET B 59 -10.43 -0.58 -15.98
CA MET B 59 -11.87 -0.52 -16.20
C MET B 59 -12.27 0.90 -16.61
N VAL B 60 -11.77 1.90 -15.88
CA VAL B 60 -12.11 3.28 -16.18
C VAL B 60 -11.43 3.75 -17.46
N CYS B 61 -10.15 3.42 -17.67
CA CYS B 61 -9.50 3.98 -18.86
C CYS B 61 -10.15 3.45 -20.13
N GLU B 62 -10.70 2.24 -20.10
CA GLU B 62 -11.42 1.69 -21.24
C GLU B 62 -12.85 2.23 -21.37
N ASN B 63 -13.40 2.79 -20.31
CA ASN B 63 -14.74 3.38 -20.34
C ASN B 63 -14.79 4.56 -19.39
N PRO B 64 -14.23 5.71 -19.80
N PRO B 64 -14.37 5.74 -19.85
CA PRO B 64 -14.14 6.85 -18.87
CA PRO B 64 -14.43 6.92 -18.98
C PRO B 64 -15.48 7.41 -18.44
C PRO B 64 -15.84 7.34 -18.61
N SER B 65 -16.58 7.08 -19.12
N SER B 65 -16.87 6.85 -19.29
CA SER B 65 -17.89 7.50 -18.64
CA SER B 65 -18.21 7.15 -18.84
C SER B 65 -18.21 6.92 -17.27
C SER B 65 -18.43 6.72 -17.39
N LEU B 66 -17.64 5.75 -16.92
CA LEU B 66 -17.81 5.23 -15.57
C LEU B 66 -17.50 6.28 -14.51
N ILE B 67 -16.66 7.27 -14.83
N ILE B 67 -16.66 7.26 -14.84
CA ILE B 67 -16.28 8.30 -13.87
CA ILE B 67 -16.28 8.28 -13.87
C ILE B 67 -16.91 9.64 -14.20
C ILE B 67 -17.03 9.58 -14.10
N ALA B 68 -17.81 9.68 -15.17
CA ALA B 68 -18.63 10.86 -15.42
C ALA B 68 -19.83 10.88 -14.49
N PRO B 69 -20.49 12.02 -14.30
CA PRO B 69 -21.74 12.01 -13.52
C PRO B 69 -22.68 10.92 -14.03
N ASN B 70 -23.36 10.26 -13.09
N ASN B 70 -23.41 10.31 -13.08
CA ASN B 70 -24.26 9.15 -13.32
CA ASN B 70 -24.26 9.15 -13.28
C ASN B 70 -23.47 7.86 -13.54
C ASN B 70 -23.48 7.89 -13.60
N GLY B 71 -22.15 7.91 -13.46
CA GLY B 71 -21.35 6.74 -13.71
C GLY B 71 -21.09 5.89 -12.48
N GLY B 72 -20.71 4.66 -12.74
CA GLY B 72 -20.52 3.69 -11.68
C GLY B 72 -19.52 4.08 -10.61
N VAL B 73 -18.45 4.80 -10.96
CA VAL B 73 -17.44 5.20 -9.99
C VAL B 73 -17.28 6.73 -9.94
N TYR B 74 -18.29 7.47 -10.36
CA TYR B 74 -18.29 8.91 -10.16
C TYR B 74 -18.31 9.22 -8.67
N SER B 75 -17.48 10.19 -8.29
CA SER B 75 -17.24 10.64 -6.92
C SER B 75 -16.27 9.73 -6.19
N ASN B 76 -15.50 10.32 -5.27
CA ASN B 76 -14.58 9.54 -4.45
C ASN B 76 -15.30 8.43 -3.69
N ARG B 77 -16.52 8.71 -3.21
CA ARG B 77 -17.27 7.71 -2.45
C ARG B 77 -17.44 6.43 -3.26
N LYS B 78 -17.87 6.56 -4.50
CA LYS B 78 -18.18 5.38 -5.31
C LYS B 78 -16.89 4.71 -5.78
N MET B 79 -15.90 5.49 -6.21
CA MET B 79 -14.62 4.88 -6.54
C MET B 79 -14.07 4.08 -5.37
N ALA B 80 -14.16 4.64 -4.15
CA ALA B 80 -13.63 3.94 -2.99
C ALA B 80 -14.40 2.65 -2.73
N ALA B 81 -15.74 2.66 -2.87
CA ALA B 81 -16.50 1.44 -2.69
C ALA B 81 -16.11 0.39 -3.73
N CYS B 82 -15.85 0.81 -4.96
N CYS B 82 -15.82 0.83 -4.95
CA CYS B 82 -15.43 -0.12 -5.99
CA CYS B 82 -15.44 -0.11 -6.00
C CYS B 82 -14.07 -0.75 -5.65
C CYS B 82 -14.06 -0.71 -5.76
N LEU B 83 -13.09 0.10 -5.33
CA LEU B 83 -11.77 -0.43 -4.96
C LEU B 83 -11.88 -1.40 -3.78
N ARG B 84 -12.76 -1.08 -2.81
CA ARG B 84 -13.03 -1.99 -1.71
C ARG B 84 -13.54 -3.33 -2.23
N ASP B 85 -14.56 -3.30 -3.08
CA ASP B 85 -15.11 -4.55 -3.59
C ASP B 85 -14.07 -5.34 -4.36
N ALA B 86 -13.27 -4.69 -5.20
CA ALA B 86 -12.27 -5.43 -5.96
C ALA B 86 -11.31 -6.15 -5.03
N GLU B 87 -10.91 -5.50 -3.93
CA GLU B 87 -10.05 -6.16 -2.96
C GLU B 87 -10.77 -7.28 -2.23
N ILE B 88 -12.03 -7.07 -1.83
CA ILE B 88 -12.80 -8.15 -1.21
C ILE B 88 -12.79 -9.38 -2.11
N ILE B 89 -13.15 -9.18 -3.38
CA ILE B 89 -13.19 -10.29 -4.33
C ILE B 89 -11.83 -10.95 -4.46
N LEU B 90 -10.79 -10.13 -4.65
CA LEU B 90 -9.44 -10.68 -4.80
C LEU B 90 -9.06 -11.52 -3.60
N ARG B 91 -9.39 -11.04 -2.41
CA ARG B 91 -9.00 -11.75 -1.20
C ARG B 91 -9.77 -13.06 -1.05
N TYR B 92 -11.07 -13.10 -1.39
CA TYR B 92 -11.77 -14.38 -1.41
C TYR B 92 -11.19 -15.33 -2.45
N VAL B 93 -10.74 -14.81 -3.60
CA VAL B 93 -10.03 -15.66 -4.55
C VAL B 93 -8.74 -16.19 -3.93
N SER B 94 -7.99 -15.33 -3.24
CA SER B 94 -6.74 -15.78 -2.63
C SER B 94 -6.97 -16.89 -1.61
N TYR B 95 -8.05 -16.80 -0.84
CA TYR B 95 -8.34 -17.82 0.16
C TYR B 95 -8.81 -19.11 -0.51
N SER B 96 -9.51 -19.00 -1.65
CA SER B 96 -9.85 -20.19 -2.42
C SER B 96 -8.59 -20.90 -2.90
N LEU B 97 -7.58 -20.14 -3.32
CA LEU B 97 -6.32 -20.75 -3.74
C LEU B 97 -5.56 -21.33 -2.57
N LEU B 98 -5.63 -20.71 -1.39
CA LEU B 98 -4.98 -21.30 -0.24
C LEU B 98 -5.62 -22.63 0.15
N SER B 99 -6.94 -22.68 0.13
N SER B 99 -6.96 -22.65 0.14
CA SER B 99 -7.67 -23.83 0.64
CA SER B 99 -7.73 -23.80 0.63
C SER B 99 -7.96 -24.88 -0.41
C SER B 99 -7.82 -24.91 -0.40
N GLY B 100 -7.80 -24.57 -1.68
CA GLY B 100 -8.08 -25.50 -2.73
C GLY B 100 -9.52 -25.68 -3.09
N ASP B 101 -10.42 -24.82 -2.63
CA ASP B 101 -11.79 -24.88 -3.12
C ASP B 101 -12.43 -23.50 -3.02
N SER B 102 -13.60 -23.37 -3.62
CA SER B 102 -14.28 -22.09 -3.75
C SER B 102 -15.50 -21.95 -2.84
N SER B 103 -15.67 -22.83 -1.85
N SER B 103 -15.69 -22.77 -1.89
CA SER B 103 -16.92 -22.83 -1.08
CA SER B 103 -16.94 -22.78 -1.13
C SER B 103 -17.16 -21.50 -0.37
C SER B 103 -17.16 -21.45 -0.40
N VAL B 104 -16.15 -20.95 0.30
CA VAL B 104 -16.32 -19.70 1.03
C VAL B 104 -16.55 -18.55 0.06
N LEU B 105 -15.77 -18.50 -1.02
CA LEU B 105 -16.00 -17.49 -2.04
C LEU B 105 -17.44 -17.51 -2.52
N GLU B 106 -17.94 -18.70 -2.86
N GLU B 106 -17.94 -18.69 -2.90
CA GLU B 106 -19.28 -18.78 -3.45
CA GLU B 106 -19.29 -18.76 -3.44
C GLU B 106 -20.35 -18.45 -2.43
C GLU B 106 -20.32 -18.36 -2.39
N ASP B 107 -20.18 -18.89 -1.18
CA ASP B 107 -21.23 -18.75 -0.17
C ASP B 107 -21.21 -17.37 0.50
N ARG B 108 -20.03 -16.89 0.88
CA ARG B 108 -19.94 -15.68 1.68
C ARG B 108 -19.78 -14.42 0.83
N CYS B 109 -19.23 -14.55 -0.37
CA CYS B 109 -18.94 -13.40 -1.22
C CYS B 109 -19.89 -13.29 -2.40
N LEU B 110 -20.20 -14.39 -3.10
CA LEU B 110 -20.88 -14.30 -4.38
C LEU B 110 -22.38 -14.56 -4.35
N ASN B 111 -22.89 -15.27 -3.35
N ASN B 111 -22.91 -15.24 -3.33
CA ASN B 111 -24.29 -15.67 -3.36
CA ASN B 111 -24.30 -15.69 -3.34
C ASN B 111 -25.16 -14.45 -3.16
C ASN B 111 -25.22 -14.49 -3.14
N GLY B 112 -25.94 -14.09 -4.18
CA GLY B 112 -26.78 -12.91 -4.13
C GLY B 112 -26.10 -11.64 -4.60
N LEU B 113 -24.85 -11.72 -5.05
CA LEU B 113 -24.12 -10.51 -5.40
C LEU B 113 -24.68 -9.84 -6.66
N LYS B 114 -25.10 -10.62 -7.65
N LYS B 114 -25.11 -10.64 -7.64
CA LYS B 114 -25.67 -10.00 -8.85
CA LYS B 114 -25.70 -10.08 -8.85
C LYS B 114 -26.90 -9.17 -8.50
C LYS B 114 -26.92 -9.22 -8.52
N GLU B 115 -27.80 -9.70 -7.68
N GLU B 115 -27.80 -9.72 -7.66
N GLU B 115 -27.73 -9.70 -7.61
CA GLU B 115 -28.98 -8.94 -7.28
CA GLU B 115 -28.98 -8.93 -7.29
CA GLU B 115 -28.92 -8.94 -7.29
C GLU B 115 -28.59 -7.68 -6.50
C GLU B 115 -28.58 -7.68 -6.52
C GLU B 115 -28.58 -7.68 -6.51
N THR B 116 -27.59 -7.79 -5.61
CA THR B 116 -27.12 -6.62 -4.89
C THR B 116 -26.69 -5.54 -5.87
N TYR B 117 -25.86 -5.92 -6.85
CA TYR B 117 -25.36 -4.97 -7.83
C TYR B 117 -26.47 -4.45 -8.74
N SER B 118 -27.37 -5.32 -9.19
N SER B 118 -27.40 -5.32 -9.11
CA SER B 118 -28.47 -4.89 -10.05
CA SER B 118 -28.50 -4.90 -9.98
C SER B 118 -29.26 -3.78 -9.39
C SER B 118 -29.38 -3.87 -9.30
N SER B 119 -29.66 -3.99 -8.14
N SER B 119 -29.67 -4.05 -8.02
N SER B 119 -29.52 -4.11 -7.94
CA SER B 119 -30.53 -3.05 -7.46
CA SER B 119 -30.51 -3.10 -7.31
CA SER B 119 -30.44 -3.16 -7.34
C SER B 119 -29.84 -1.73 -7.12
C SER B 119 -29.85 -1.74 -7.23
C SER B 119 -29.83 -1.75 -7.32
N LEU B 120 -28.51 -1.71 -7.14
CA LEU B 120 -27.76 -0.48 -6.96
C LEU B 120 -27.30 0.11 -8.29
N GLY B 121 -27.53 -0.58 -9.40
CA GLY B 121 -27.05 -0.10 -10.69
C GLY B 121 -25.54 -0.11 -10.82
N VAL B 122 -24.85 -1.01 -10.14
CA VAL B 122 -23.40 -1.19 -10.30
C VAL B 122 -23.21 -1.86 -11.65
N PRO B 123 -22.52 -1.25 -12.61
N PRO B 123 -22.59 -1.20 -12.64
CA PRO B 123 -22.60 -1.74 -13.99
CA PRO B 123 -22.59 -1.73 -14.00
C PRO B 123 -21.81 -3.02 -14.22
C PRO B 123 -21.86 -3.05 -14.11
N ALA B 124 -22.50 -4.02 -14.78
CA ALA B 124 -21.92 -5.35 -14.92
C ALA B 124 -20.78 -5.39 -15.92
N ALA B 125 -20.81 -4.59 -17.00
CA ALA B 125 -19.72 -4.68 -17.95
C ALA B 125 -18.41 -4.19 -17.34
N GLY B 126 -18.45 -3.05 -16.65
CA GLY B 126 -17.25 -2.58 -15.99
C GLY B 126 -16.78 -3.54 -14.93
N ASN B 127 -17.72 -4.10 -14.16
CA ASN B 127 -17.36 -5.07 -13.12
C ASN B 127 -16.67 -6.29 -13.71
N ALA B 128 -17.25 -6.83 -14.78
CA ALA B 128 -16.63 -7.97 -15.43
C ALA B 128 -15.24 -7.63 -15.92
N ARG B 129 -15.04 -6.41 -16.42
CA ARG B 129 -13.72 -6.03 -16.92
C ARG B 129 -12.71 -5.90 -15.79
N ALA B 130 -13.10 -5.29 -14.66
CA ALA B 130 -12.17 -5.23 -13.53
C ALA B 130 -11.76 -6.63 -13.11
N VAL B 131 -12.71 -7.55 -13.06
CA VAL B 131 -12.38 -8.93 -12.70
C VAL B 131 -11.44 -9.55 -13.73
N ALA B 132 -11.69 -9.32 -15.03
CA ALA B 132 -10.84 -9.86 -16.07
C ALA B 132 -9.42 -9.34 -15.97
N ILE B 133 -9.26 -8.06 -15.63
CA ILE B 133 -7.91 -7.51 -15.50
C ILE B 133 -7.21 -8.12 -14.29
N MET B 134 -7.91 -8.24 -13.16
CA MET B 134 -7.33 -8.93 -12.01
C MET B 134 -6.92 -10.36 -12.37
N LYS B 135 -7.77 -11.05 -13.12
CA LYS B 135 -7.45 -12.42 -13.51
CA LYS B 135 -7.46 -12.42 -13.52
C LYS B 135 -6.15 -12.47 -14.30
N ALA B 136 -5.99 -11.59 -15.29
CA ALA B 136 -4.78 -11.57 -16.10
C ALA B 136 -3.56 -11.22 -15.24
N THR B 137 -3.70 -10.24 -14.36
CA THR B 137 -2.58 -9.80 -13.55
C THR B 137 -2.13 -10.90 -12.60
N VAL B 138 -3.10 -11.54 -11.95
CA VAL B 138 -2.79 -12.66 -11.07
C VAL B 138 -2.10 -13.77 -11.85
N ASN B 139 -2.56 -14.07 -13.06
CA ASN B 139 -1.92 -15.13 -13.83
C ASN B 139 -0.44 -14.84 -14.04
N SER B 140 -0.11 -13.60 -14.41
CA SER B 140 1.30 -13.24 -14.59
C SER B 140 2.07 -13.33 -13.28
N PHE B 141 1.51 -12.81 -12.18
CA PHE B 141 2.24 -12.91 -10.93
C PHE B 141 2.47 -14.36 -10.50
N ILE B 142 1.46 -15.23 -10.62
CA ILE B 142 1.65 -16.63 -10.25
C ILE B 142 2.78 -17.24 -11.09
N ASN B 143 2.81 -16.93 -12.39
CA ASN B 143 3.84 -17.47 -13.29
C ASN B 143 5.15 -16.69 -13.26
N ASN B 144 5.22 -15.64 -12.44
CA ASN B 144 6.36 -14.74 -12.36
C ASN B 144 6.74 -14.15 -13.71
N THR B 145 5.73 -13.74 -14.50
CA THR B 145 5.98 -13.11 -15.79
C THR B 145 5.54 -11.65 -15.85
N ALA B 146 5.28 -11.01 -14.71
CA ALA B 146 4.98 -9.59 -14.74
C ALA B 146 6.21 -8.81 -15.18
N GLN B 147 5.99 -7.64 -15.76
N GLN B 147 5.97 -7.63 -15.77
CA GLN B 147 7.10 -6.93 -16.39
CA GLN B 147 7.06 -6.86 -16.37
C GLN B 147 7.92 -6.08 -15.42
C GLN B 147 7.99 -6.29 -15.31
N GLN B 148 7.37 -5.67 -14.29
N GLN B 148 7.43 -5.72 -14.25
CA GLN B 148 8.10 -4.83 -13.34
CA GLN B 148 8.26 -5.00 -13.28
C GLN B 148 8.42 -5.54 -12.04
C GLN B 148 8.50 -5.83 -12.03
N LYS B 149 7.43 -6.15 -11.40
N LYS B 149 7.45 -6.10 -11.26
CA LYS B 149 7.61 -6.78 -10.10
CA LYS B 149 7.60 -6.74 -9.97
C LYS B 149 7.79 -8.28 -10.26
C LYS B 149 7.74 -8.25 -10.14
N LYS B 150 8.85 -8.80 -9.63
N LYS B 150 8.82 -8.79 -9.61
CA LYS B 150 9.25 -10.19 -9.72
CA LYS B 150 9.18 -10.18 -9.71
C LYS B 150 9.24 -10.84 -8.34
C LYS B 150 9.13 -10.83 -8.33
N LEU B 151 9.08 -12.16 -8.35
CA LEU B 151 9.06 -12.99 -7.16
C LEU B 151 10.13 -14.05 -7.31
N SER B 152 10.99 -14.17 -6.31
CA SER B 152 12.07 -15.15 -6.33
C SER B 152 11.62 -16.44 -5.69
N VAL B 153 11.51 -17.50 -6.48
CA VAL B 153 11.04 -18.82 -6.03
C VAL B 153 11.82 -19.87 -6.79
N PRO B 154 11.81 -21.11 -6.32
CA PRO B 154 12.54 -22.17 -7.04
C PRO B 154 11.91 -22.38 -8.40
N SER B 155 12.74 -22.61 -9.41
N SER B 155 12.75 -22.66 -9.40
CA SER B 155 12.20 -22.70 -10.76
CA SER B 155 12.27 -22.76 -10.77
C SER B 155 11.36 -23.95 -10.92
C SER B 155 11.41 -24.00 -10.98
N GLY B 156 10.34 -23.85 -11.75
CA GLY B 156 9.45 -24.96 -12.04
C GLY B 156 8.15 -24.40 -12.60
N ASP B 157 7.15 -25.27 -12.65
CA ASP B 157 5.90 -24.95 -13.34
C ASP B 157 4.76 -24.82 -12.34
N CYS B 158 3.95 -23.77 -12.49
N CYS B 158 3.94 -23.79 -12.54
CA CYS B 158 2.79 -23.52 -11.65
CA CYS B 158 2.75 -23.56 -11.73
C CYS B 158 1.53 -23.37 -12.47
C CYS B 158 1.51 -23.39 -12.61
N SER B 159 1.49 -23.99 -13.65
N SER B 159 1.51 -24.00 -13.79
CA SER B 159 0.37 -23.74 -14.56
CA SER B 159 0.35 -23.87 -14.68
C SER B 159 -0.94 -24.39 -14.07
C SER B 159 -0.93 -24.37 -14.02
N ALA B 160 -0.87 -25.49 -13.31
CA ALA B 160 -2.10 -26.03 -12.72
C ALA B 160 -2.68 -25.05 -11.71
N LEU B 161 -1.84 -24.51 -10.83
CA LEU B 161 -2.29 -23.51 -9.87
C LEU B 161 -2.80 -22.26 -10.58
N ALA B 162 -2.12 -21.82 -11.64
CA ALA B 162 -2.58 -20.65 -12.38
C ALA B 162 -3.96 -20.91 -12.98
N SER B 163 -4.19 -22.09 -13.54
N SER B 163 -4.17 -22.09 -13.56
CA SER B 163 -5.50 -22.39 -14.11
CA SER B 163 -5.47 -22.43 -14.09
C SER B 163 -6.57 -22.50 -13.03
C SER B 163 -6.53 -22.43 -13.00
N GLU B 164 -6.19 -23.00 -11.85
CA GLU B 164 -7.13 -23.07 -10.73
C GLU B 164 -7.54 -21.66 -10.29
N ALA B 165 -6.58 -20.77 -10.14
CA ALA B 165 -6.89 -19.38 -9.81
C ALA B 165 -7.79 -18.75 -10.87
N GLY B 166 -7.51 -19.00 -12.15
CA GLY B 166 -8.37 -18.51 -13.21
C GLY B 166 -9.79 -19.00 -13.08
N GLY B 167 -9.96 -20.26 -12.69
CA GLY B 167 -11.30 -20.81 -12.48
C GLY B 167 -12.06 -20.12 -11.37
N TYR B 168 -11.36 -19.70 -10.31
CA TYR B 168 -12.02 -18.94 -9.25
C TYR B 168 -12.47 -17.58 -9.75
N PHE B 169 -11.63 -16.90 -10.54
CA PHE B 169 -12.11 -15.67 -11.18
C PHE B 169 -13.31 -15.93 -12.08
N ASP B 170 -13.31 -17.06 -12.80
CA ASP B 170 -14.46 -17.36 -13.65
C ASP B 170 -15.73 -17.53 -12.83
N LYS B 171 -15.64 -18.07 -11.61
CA LYS B 171 -16.82 -18.15 -10.76
CA LYS B 171 -16.81 -18.14 -10.74
C LYS B 171 -17.34 -16.76 -10.41
N VAL B 172 -16.42 -15.81 -10.19
CA VAL B 172 -16.82 -14.43 -9.95
C VAL B 172 -17.53 -13.87 -11.18
N THR B 173 -16.90 -14.01 -12.34
CA THR B 173 -17.49 -13.50 -13.58
C THR B 173 -18.88 -14.06 -13.80
N SER B 174 -19.06 -15.37 -13.56
N SER B 174 -19.03 -15.38 -13.64
CA SER B 174 -20.40 -15.94 -13.65
CA SER B 174 -20.33 -16.01 -13.88
C SER B 174 -21.36 -15.28 -12.66
C SER B 174 -21.36 -15.50 -12.88
N ALA B 175 -20.90 -15.07 -11.42
N ALA B 175 -20.95 -15.30 -11.64
CA ALA B 175 -21.75 -14.47 -10.40
CA ALA B 175 -21.90 -14.90 -10.61
C ALA B 175 -22.17 -13.05 -10.75
C ALA B 175 -22.45 -13.51 -10.86
N ILE B 176 -21.30 -12.30 -11.43
N ILE B 176 -21.63 -12.59 -11.33
CA ILE B 176 -21.63 -10.92 -11.80
CA ILE B 176 -22.03 -11.19 -11.45
C ILE B 176 -22.63 -10.89 -12.94
C ILE B 176 -22.28 -10.76 -12.89
N GLY B 177 -22.57 -11.84 -13.86
N GLY B 177 -22.26 -11.69 -13.83
CA GLY B 177 -23.46 -11.86 -15.00
CA GLY B 177 -22.66 -11.36 -15.19
C GLY B 177 -23.32 -10.65 -15.90
C GLY B 177 -24.07 -10.79 -15.20
N MET C 2 20.59 12.69 17.45
CA MET C 2 19.38 12.17 16.84
C MET C 2 18.76 11.20 17.81
N ALA C 3 17.49 10.91 17.60
CA ALA C 3 16.81 9.81 18.27
C ALA C 3 17.31 8.47 17.72
N LYS C 4 16.97 7.41 18.46
CA LYS C 4 17.35 6.04 18.10
C LYS C 4 16.14 5.12 18.15
N ASP C 5 14.94 5.67 18.08
N ASP C 5 14.93 5.66 18.06
CA ASP C 5 13.70 4.89 18.23
CA ASP C 5 13.71 4.90 18.23
C ASP C 5 13.06 4.50 16.90
C ASP C 5 13.05 4.53 16.90
N SER C 6 13.70 4.80 15.77
CA SER C 6 13.17 4.49 14.44
C SER C 6 11.83 5.17 14.20
N LYS C 7 11.49 6.20 14.96
N LYS C 7 11.50 6.21 14.95
CA LYS C 7 10.20 6.87 14.79
CA LYS C 7 10.23 6.90 14.82
C LYS C 7 10.35 8.13 13.95
C LYS C 7 10.37 8.13 13.92
N ALA C 8 9.30 8.43 13.21
CA ALA C 8 9.24 9.58 12.33
C ALA C 8 7.85 10.19 12.39
N PRO C 9 7.74 11.47 12.06
CA PRO C 9 6.43 12.13 12.06
C PRO C 9 5.63 11.70 10.84
N VAL C 10 4.51 11.06 11.11
CA VAL C 10 3.57 10.62 10.08
C VAL C 10 2.53 11.73 9.95
N VAL C 11 2.57 12.44 8.82
CA VAL C 11 1.66 13.54 8.54
C VAL C 11 0.58 12.99 7.62
N GLU C 12 -0.67 13.23 7.98
N GLU C 12 -0.67 13.29 7.94
CA GLU C 12 -1.81 12.88 7.13
CA GLU C 12 -1.83 12.87 7.16
C GLU C 12 -2.61 14.14 6.86
C GLU C 12 -2.72 14.07 6.88
N ILE C 13 -3.00 14.31 5.59
CA ILE C 13 -3.77 15.45 5.13
C ILE C 13 -5.16 14.96 4.78
N PHE C 14 -6.18 15.59 5.36
CA PHE C 14 -7.58 15.24 5.11
C PHE C 14 -8.29 16.37 4.39
N ASP C 15 -8.96 16.00 3.29
CA ASP C 15 -9.80 16.92 2.53
C ASP C 15 -11.05 16.15 2.14
N GLU C 16 -12.09 16.32 2.96
CA GLU C 16 -13.37 15.65 2.82
C GLU C 16 -14.44 16.64 2.38
N ARG C 17 -14.04 17.68 1.65
CA ARG C 17 -15.01 18.68 1.21
C ARG C 17 -16.05 18.15 0.26
N ASP C 18 -15.82 16.99 -0.35
CA ASP C 18 -16.87 16.38 -1.18
C ASP C 18 -18.01 15.80 -0.35
N GLY C 19 -17.90 15.79 0.98
CA GLY C 19 -18.95 15.33 1.83
C GLY C 19 -18.91 13.87 2.24
N CYS C 20 -17.98 13.08 1.72
CA CYS C 20 -17.89 11.68 2.10
C CYS C 20 -17.18 11.59 3.45
N THR C 21 -17.88 11.11 4.46
CA THR C 21 -17.34 11.03 5.80
C THR C 21 -17.40 9.59 6.33
N SER C 22 -16.69 9.39 7.43
CA SER C 22 -16.61 8.12 8.15
C SER C 22 -16.57 8.46 9.64
N ALA C 23 -16.49 7.44 10.49
CA ALA C 23 -16.49 7.69 11.93
C ALA C 23 -15.42 8.69 12.33
N GLY C 24 -14.25 8.62 11.72
CA GLY C 24 -13.15 9.49 12.09
C GLY C 24 -13.32 10.94 11.68
N SER C 25 -14.35 11.27 10.89
CA SER C 25 -14.53 12.58 10.32
C SER C 25 -15.04 13.62 11.30
N THR C 26 -15.52 13.19 12.47
N THR C 26 -15.47 13.23 12.48
CA THR C 26 -16.03 14.09 13.49
CA THR C 26 -15.90 14.21 13.45
C THR C 26 -15.32 13.82 14.81
C THR C 26 -15.38 13.83 14.82
N GLY C 27 -15.26 14.84 15.66
CA GLY C 27 -14.81 14.66 17.03
C GLY C 27 -13.33 14.80 17.26
N LYS C 28 -12.51 14.90 16.20
CA LYS C 28 -11.08 14.98 16.41
C LYS C 28 -10.59 16.41 16.59
N ALA C 29 -11.31 17.38 16.04
CA ALA C 29 -10.98 18.78 16.15
C ALA C 29 -12.22 19.57 15.78
N SER C 30 -12.22 20.85 16.15
CA SER C 30 -13.21 21.77 15.63
C SER C 30 -12.96 22.00 14.15
N ASP C 31 -14.02 22.17 13.37
CA ASP C 31 -13.89 22.46 11.94
C ASP C 31 -14.24 23.91 11.58
N ALA C 32 -14.43 24.78 12.57
CA ALA C 32 -14.93 26.13 12.31
C ALA C 32 -14.08 26.84 11.26
N GLY C 33 -14.75 27.32 10.21
CA GLY C 33 -14.08 28.07 9.16
C GLY C 33 -13.24 27.25 8.21
N GLU C 34 -13.15 25.94 8.41
N GLU C 34 -13.22 25.93 8.38
CA GLU C 34 -12.27 25.07 7.64
CA GLU C 34 -12.40 25.02 7.60
C GLU C 34 -12.95 23.73 7.40
C GLU C 34 -13.13 23.69 7.47
N LYS C 35 -14.19 23.77 6.92
N LYS C 35 -14.35 23.72 6.96
CA LYS C 35 -14.99 22.55 6.82
CA LYS C 35 -15.12 22.49 6.84
C LYS C 35 -14.28 21.50 5.97
C LYS C 35 -14.37 21.48 5.96
N GLY C 36 -14.26 20.26 6.47
CA GLY C 36 -13.72 19.16 5.72
C GLY C 36 -12.21 19.04 5.69
N LEU C 37 -11.49 19.90 6.40
CA LEU C 37 -10.04 20.00 6.27
C LEU C 37 -9.37 19.70 7.60
N LEU C 38 -8.29 18.92 7.56
CA LEU C 38 -7.58 18.62 8.82
C LEU C 38 -6.18 18.13 8.52
N VAL C 39 -5.23 18.51 9.38
CA VAL C 39 -3.88 17.96 9.41
C VAL C 39 -3.72 17.12 10.67
N LYS C 40 -3.24 15.89 10.51
N LYS C 40 -3.26 15.89 10.50
CA LYS C 40 -2.96 14.99 11.63
CA LYS C 40 -2.94 15.01 11.61
C LYS C 40 -1.48 14.65 11.63
C LYS C 40 -1.46 14.72 11.61
N VAL C 41 -0.84 14.73 12.80
CA VAL C 41 0.56 14.33 12.95
C VAL C 41 0.67 13.40 14.14
N SER C 42 1.43 12.32 13.97
CA SER C 42 1.76 11.43 15.07
C SER C 42 3.16 10.90 14.84
N MET C 43 3.82 10.48 15.92
CA MET C 43 5.13 9.85 15.81
C MET C 43 4.94 8.34 15.83
N GLN C 44 5.41 7.68 14.77
N GLN C 44 5.43 7.68 14.78
CA GLN C 44 5.25 6.24 14.65
CA GLN C 44 5.26 6.23 14.65
C GLN C 44 6.58 5.62 14.29
C GLN C 44 6.59 5.59 14.28
N LYS C 45 6.82 4.42 14.83
N LYS C 45 6.79 4.38 14.76
CA LYS C 45 7.95 3.64 14.37
CA LYS C 45 7.96 3.60 14.38
C LYS C 45 7.72 3.27 12.91
C LYS C 45 7.78 3.12 12.95
N VAL C 46 8.79 3.37 12.11
CA VAL C 46 8.77 2.90 10.73
C VAL C 46 9.25 1.45 10.77
N GLY C 47 8.37 0.51 10.43
N GLY C 47 8.37 0.52 10.41
CA GLY C 47 8.67 -0.90 10.53
CA GLY C 47 8.72 -0.87 10.46
C GLY C 47 9.32 -1.47 9.28
C GLY C 47 9.67 -1.29 9.36
N TYR C 48 10.12 -2.53 9.47
CA TYR C 48 10.72 -3.21 8.33
C TYR C 48 9.61 -3.83 7.48
N ASN C 49 9.79 -3.85 6.17
CA ASN C 49 8.78 -4.33 5.22
C ASN C 49 9.40 -5.45 4.38
N ALA C 50 9.20 -6.69 4.81
CA ALA C 50 9.86 -7.81 4.15
C ALA C 50 9.41 -7.94 2.71
N ILE C 51 8.10 -7.74 2.46
CA ILE C 51 7.59 -7.88 1.10
C ILE C 51 8.28 -6.89 0.17
N MET C 52 8.41 -5.63 0.61
CA MET C 52 9.06 -4.64 -0.23
C MET C 52 10.55 -4.94 -0.38
N ALA C 53 11.21 -5.34 0.70
CA ALA C 53 12.64 -5.67 0.60
C ALA C 53 12.87 -6.78 -0.41
N LYS C 54 12.05 -7.84 -0.34
CA LYS C 54 12.18 -8.94 -1.29
C LYS C 54 11.88 -8.46 -2.70
N SER C 55 10.87 -7.61 -2.86
CA SER C 55 10.50 -7.12 -4.17
C SER C 55 11.64 -6.32 -4.80
N VAL C 56 12.24 -5.41 -4.04
CA VAL C 56 13.33 -4.61 -4.58
C VAL C 56 14.49 -5.51 -4.99
N ALA C 57 14.85 -6.49 -4.16
CA ALA C 57 15.97 -7.35 -4.53
C ALA C 57 15.70 -8.10 -5.83
N ALA C 58 14.45 -8.47 -6.07
CA ALA C 58 14.10 -9.24 -7.26
C ALA C 58 13.76 -8.38 -8.48
N SER C 59 13.54 -7.08 -8.29
CA SER C 59 12.90 -6.28 -9.33
C SER C 59 13.63 -4.99 -9.68
N TYR C 60 14.74 -4.67 -9.01
CA TYR C 60 15.30 -3.33 -9.10
C TYR C 60 15.75 -2.96 -10.51
N MET C 61 16.02 -3.94 -11.37
CA MET C 61 16.46 -3.63 -12.72
CA MET C 61 16.46 -3.62 -12.72
C MET C 61 15.33 -3.18 -13.63
N ASN C 62 14.08 -3.26 -13.16
CA ASN C 62 12.92 -2.88 -13.96
C ASN C 62 12.40 -1.52 -13.51
N LYS C 63 12.56 -0.49 -14.35
CA LYS C 63 12.12 0.86 -14.01
C LYS C 63 10.62 0.90 -13.71
N PHE D 5 1.97 20.54 17.44
CA PHE D 5 2.75 19.39 16.96
C PHE D 5 3.97 19.16 17.84
N SER D 6 4.53 20.23 18.39
CA SER D 6 5.73 20.09 19.19
C SER D 6 5.52 19.11 20.33
N LYS D 7 4.34 19.15 20.96
CA LYS D 7 4.04 18.22 22.05
C LYS D 7 4.08 16.78 21.57
N VAL D 8 3.46 16.49 20.42
CA VAL D 8 3.44 15.09 19.97
C VAL D 8 4.82 14.67 19.44
N ILE D 9 5.59 15.59 18.86
CA ILE D 9 6.94 15.25 18.41
C ILE D 9 7.83 14.89 19.59
N THR D 10 7.71 15.62 20.70
CA THR D 10 8.57 15.37 21.85
C THR D 10 8.12 14.16 22.64
N SER D 11 6.81 13.95 22.78
CA SER D 11 6.33 12.77 23.49
C SER D 11 6.64 11.49 22.71
N ALA D 12 6.55 11.56 21.38
CA ALA D 12 6.91 10.45 20.49
C ALA D 12 6.29 9.12 20.93
N ASP D 13 5.07 9.18 21.46
CA ASP D 13 4.41 7.98 21.97
C ASP D 13 3.31 7.45 21.06
N GLY D 14 3.06 8.06 19.92
CA GLY D 14 2.03 7.62 19.03
C GLY D 14 0.71 8.35 19.16
N LYS D 15 0.49 9.11 20.23
CA LYS D 15 -0.72 9.93 20.31
C LYS D 15 -0.67 11.01 19.24
N ALA D 16 -1.80 11.24 18.60
CA ALA D 16 -1.83 12.15 17.46
C ALA D 16 -2.28 13.54 17.89
N ALA D 17 -1.81 14.54 17.15
CA ALA D 17 -2.36 15.87 17.18
C ALA D 17 -3.22 16.05 15.94
N TYR D 18 -4.41 16.62 16.15
CA TYR D 18 -5.36 16.87 15.09
C TYR D 18 -5.59 18.37 15.02
N VAL D 19 -5.31 18.95 13.86
CA VAL D 19 -5.36 20.39 13.67
C VAL D 19 -6.43 20.71 12.63
N GLY D 20 -7.53 21.29 13.11
CA GLY D 20 -8.63 21.70 12.27
C GLY D 20 -9.12 23.09 12.68
N GLY D 21 -10.07 23.60 11.93
CA GLY D 21 -10.77 24.80 12.37
C GLY D 21 -9.83 25.97 12.57
N ALA D 22 -10.05 26.71 13.66
CA ALA D 22 -9.25 27.90 13.92
C ALA D 22 -7.77 27.54 14.07
N ASP D 23 -7.46 26.37 14.62
CA ASP D 23 -6.07 25.95 14.75
C ASP D 23 -5.42 25.78 13.39
N LEU D 24 -6.18 25.23 12.43
CA LEU D 24 -5.68 25.04 11.08
C LEU D 24 -5.55 26.36 10.35
N GLN D 25 -6.51 27.27 10.55
N GLN D 25 -6.52 27.26 10.53
CA GLN D 25 -6.39 28.61 9.98
CA GLN D 25 -6.39 28.61 9.98
C GLN D 25 -5.13 29.28 10.48
C GLN D 25 -5.11 29.26 10.47
N ALA D 26 -4.81 29.12 11.77
CA ALA D 26 -3.62 29.72 12.33
C ALA D 26 -2.35 29.05 11.77
N LEU D 27 -2.36 27.72 11.68
N LEU D 27 -2.37 27.72 11.66
CA LEU D 27 -1.21 27.04 11.11
CA LEU D 27 -1.22 27.02 11.12
C LEU D 27 -0.86 27.65 9.76
C LEU D 27 -0.85 27.54 9.74
N LYS D 28 -1.86 27.74 8.89
CA LYS D 28 -1.61 28.23 7.53
C LYS D 28 -1.28 29.71 7.49
N LYS D 29 -1.81 30.51 8.43
N LYS D 29 -1.83 30.50 8.43
CA LYS D 29 -1.58 31.95 8.40
CA LYS D 29 -1.59 31.94 8.44
C LYS D 29 -0.11 32.29 8.60
C LYS D 29 -0.12 32.28 8.59
N PHE D 30 0.59 31.52 9.42
CA PHE D 30 1.95 31.86 9.83
C PHE D 30 3.03 31.19 8.99
N VAL D 31 2.65 30.49 7.93
CA VAL D 31 3.62 29.96 6.97
C VAL D 31 3.28 30.52 5.61
N SER D 32 4.25 30.49 4.71
CA SER D 32 3.98 30.97 3.36
C SER D 32 3.14 29.95 2.60
N ASP D 33 2.35 30.47 1.66
CA ASP D 33 1.58 29.66 0.72
C ASP D 33 0.81 28.54 1.45
N GLY D 34 0.06 28.91 2.49
CA GLY D 34 -0.44 27.90 3.42
C GLY D 34 -1.26 26.80 2.80
N ASN D 35 -2.22 27.14 1.92
CA ASN D 35 -3.03 26.11 1.29
C ASN D 35 -2.22 25.27 0.31
N LYS D 36 -1.42 25.91 -0.55
CA LYS D 36 -0.58 25.14 -1.46
C LYS D 36 0.36 24.22 -0.69
N ARG D 37 0.81 24.67 0.48
CA ARG D 37 1.72 23.88 1.30
C ARG D 37 1.06 22.59 1.76
N MET D 38 -0.23 22.63 2.09
N MET D 38 -0.23 22.65 2.10
CA MET D 38 -0.91 21.40 2.48
CA MET D 38 -0.93 21.42 2.46
C MET D 38 -0.99 20.43 1.31
C MET D 38 -0.95 20.43 1.30
N ASP D 39 -1.21 20.94 0.09
CA ASP D 39 -1.18 20.09 -1.09
C ASP D 39 0.21 19.54 -1.36
N ALA D 40 1.25 20.36 -1.18
CA ALA D 40 2.61 19.90 -1.40
C ALA D 40 2.97 18.79 -0.42
N VAL D 41 2.57 18.94 0.85
CA VAL D 41 2.80 17.89 1.82
C VAL D 41 2.07 16.62 1.41
N ASN D 42 0.79 16.73 1.00
CA ASN D 42 0.06 15.55 0.56
C ASN D 42 0.73 14.87 -0.61
N ALA D 43 1.31 15.65 -1.52
CA ALA D 43 2.00 15.08 -2.68
C ALA D 43 3.16 14.18 -2.26
N ILE D 44 3.81 14.51 -1.15
CA ILE D 44 4.85 13.66 -0.60
C ILE D 44 4.25 12.46 0.12
N VAL D 45 3.46 12.72 1.16
CA VAL D 45 3.12 11.63 2.08
C VAL D 45 2.20 10.61 1.41
N SER D 46 1.31 11.05 0.52
CA SER D 46 0.42 10.09 -0.13
C SER D 46 1.14 9.20 -1.11
N ASN D 47 2.38 9.53 -1.46
CA ASN D 47 3.23 8.77 -2.36
C ASN D 47 4.44 8.16 -1.66
N ALA D 48 4.42 8.07 -0.34
CA ALA D 48 5.64 7.73 0.40
C ALA D 48 6.22 6.38 -0.03
N SER D 49 5.35 5.38 -0.22
N SER D 49 5.39 5.32 -0.07
N SER D 49 5.37 5.36 -0.17
CA SER D 49 5.83 4.05 -0.58
CA SER D 49 5.97 4.01 -0.36
CA SER D 49 5.87 4.04 -0.55
C SER D 49 6.43 4.04 -1.97
C SER D 49 6.64 3.97 -1.72
C SER D 49 6.46 4.05 -1.94
N CYS D 50 5.77 4.72 -2.92
N CYS D 50 6.01 4.59 -2.72
CA CYS D 50 6.32 4.86 -4.27
CA CYS D 50 6.56 4.55 -4.06
C CYS D 50 7.70 5.49 -4.23
C CYS D 50 7.76 5.48 -4.24
N ILE D 51 7.81 6.61 -3.51
CA ILE D 51 9.04 7.40 -3.51
C ILE D 51 10.19 6.57 -2.96
N VAL D 52 9.96 5.91 -1.83
CA VAL D 52 11.02 5.14 -1.17
C VAL D 52 11.44 3.94 -2.03
N SER D 53 10.47 3.17 -2.52
N SER D 53 10.47 3.19 -2.54
CA SER D 53 10.80 2.00 -3.32
CA SER D 53 10.84 1.99 -3.28
C SER D 53 11.60 2.39 -4.54
C SER D 53 11.55 2.33 -4.59
N ASP D 54 11.13 3.41 -5.26
CA ASP D 54 11.79 3.78 -6.50
C ASP D 54 13.20 4.30 -6.25
N ALA D 55 13.41 5.04 -5.15
CA ALA D 55 14.72 5.61 -4.88
C ALA D 55 15.73 4.53 -4.50
N VAL D 56 15.34 3.61 -3.60
CA VAL D 56 16.26 2.54 -3.22
C VAL D 56 16.49 1.62 -4.42
N SER D 57 15.45 1.34 -5.20
CA SER D 57 15.64 0.51 -6.39
C SER D 57 16.61 1.16 -7.36
N GLY D 58 16.52 2.47 -7.54
CA GLY D 58 17.42 3.16 -8.46
C GLY D 58 18.85 3.21 -7.94
N MET D 59 19.00 3.39 -6.64
CA MET D 59 20.33 3.34 -6.03
C MET D 59 21.00 2.03 -6.37
N VAL D 60 20.26 0.92 -6.28
CA VAL D 60 20.81 -0.40 -6.58
C VAL D 60 21.00 -0.61 -8.07
N CYS D 61 20.03 -0.23 -8.91
CA CYS D 61 20.19 -0.55 -10.33
C CYS D 61 21.37 0.21 -10.92
N GLU D 62 21.62 1.42 -10.43
CA GLU D 62 22.77 2.18 -10.90
C GLU D 62 24.07 1.66 -10.30
N ASN D 63 24.01 1.03 -9.14
CA ASN D 63 25.21 0.52 -8.48
C ASN D 63 24.92 -0.83 -7.85
N PRO D 64 24.95 -1.90 -8.65
CA PRO D 64 24.65 -3.22 -8.10
C PRO D 64 25.68 -3.75 -7.14
N SER D 65 26.84 -3.10 -6.98
CA SER D 65 27.75 -3.56 -5.94
C SER D 65 27.10 -3.49 -4.57
N LEU D 66 26.09 -2.64 -4.41
CA LEU D 66 25.39 -2.52 -3.14
C LEU D 66 24.60 -3.76 -2.79
N ILE D 67 24.26 -4.60 -3.75
CA ILE D 67 23.50 -5.83 -3.49
C ILE D 67 24.33 -7.08 -3.78
N ALA D 68 25.62 -6.92 -4.06
CA ALA D 68 26.51 -8.08 -4.10
C ALA D 68 26.63 -8.70 -2.72
N PRO D 69 27.04 -9.96 -2.62
CA PRO D 69 27.23 -10.55 -1.29
C PRO D 69 28.07 -9.65 -0.39
N ASN D 70 27.60 -9.48 0.85
N ASN D 70 27.60 -9.47 0.84
CA ASN D 70 28.18 -8.63 1.89
CA ASN D 70 28.22 -8.63 1.86
C ASN D 70 28.10 -7.14 1.58
C ASN D 70 28.15 -7.14 1.53
N GLY D 71 27.36 -6.75 0.54
CA GLY D 71 27.19 -5.36 0.18
C GLY D 71 26.21 -4.63 1.07
N GLY D 72 26.10 -3.32 0.81
CA GLY D 72 25.33 -2.43 1.68
C GLY D 72 23.90 -2.86 1.94
N VAL D 73 23.20 -3.37 0.92
CA VAL D 73 21.82 -3.82 1.03
C VAL D 73 21.65 -5.28 0.66
N TYR D 74 22.73 -6.06 0.67
CA TYR D 74 22.62 -7.49 0.48
C TYR D 74 21.92 -8.11 1.67
N SER D 75 21.05 -9.06 1.38
CA SER D 75 20.18 -9.75 2.33
C SER D 75 18.92 -8.93 2.61
N ASN D 76 17.82 -9.63 2.83
CA ASN D 76 16.57 -8.94 3.12
C ASN D 76 16.69 -8.06 4.36
N ARG D 77 17.45 -8.50 5.36
CA ARG D 77 17.62 -7.70 6.56
C ARG D 77 18.12 -6.30 6.23
N LYS D 78 19.19 -6.22 5.43
CA LYS D 78 19.82 -4.94 5.16
C LYS D 78 18.99 -4.10 4.21
N MET D 79 18.43 -4.72 3.18
CA MET D 79 17.50 -4.01 2.31
C MET D 79 16.35 -3.39 3.10
N ALA D 80 15.79 -4.17 4.02
CA ALA D 80 14.66 -3.66 4.80
C ALA D 80 15.07 -2.48 5.68
N ALA D 81 16.26 -2.55 6.29
CA ALA D 81 16.74 -1.42 7.08
C ALA D 81 16.91 -0.18 6.22
N CYS D 82 17.41 -0.34 5.00
CA CYS D 82 17.61 0.79 4.12
C CYS D 82 16.28 1.40 3.68
N LEU D 83 15.31 0.58 3.27
CA LEU D 83 13.98 1.10 2.93
C LEU D 83 13.36 1.83 4.12
N ARG D 84 13.54 1.28 5.31
CA ARG D 84 13.05 1.94 6.53
C ARG D 84 13.67 3.32 6.66
N ASP D 85 15.00 3.40 6.55
CA ASP D 85 15.67 4.69 6.73
C ASP D 85 15.24 5.70 5.68
N ALA D 86 15.08 5.24 4.42
CA ALA D 86 14.65 6.16 3.38
C ALA D 86 13.29 6.77 3.72
N GLU D 87 12.39 5.95 4.24
CA GLU D 87 11.09 6.46 4.67
C GLU D 87 11.20 7.38 5.88
N ILE D 88 12.02 7.02 6.86
CA ILE D 88 12.23 7.90 8.01
C ILE D 88 12.64 9.29 7.52
N ILE D 89 13.67 9.32 6.67
CA ILE D 89 14.19 10.59 6.16
C ILE D 89 13.11 11.34 5.38
N LEU D 90 12.41 10.64 4.48
CA LEU D 90 11.36 11.27 3.71
C LEU D 90 10.31 11.89 4.62
N ARG D 91 9.92 11.17 5.67
CA ARG D 91 8.88 11.67 6.54
C ARG D 91 9.35 12.89 7.35
N TYR D 92 10.60 12.92 7.82
CA TYR D 92 11.10 14.15 8.43
C TYR D 92 11.14 15.31 7.43
N VAL D 93 11.45 15.04 6.16
CA VAL D 93 11.36 16.09 5.16
C VAL D 93 9.92 16.57 5.01
N SER D 94 8.96 15.64 4.97
CA SER D 94 7.56 16.04 4.85
C SER D 94 7.11 16.92 6.00
N TYR D 95 7.58 16.62 7.22
CA TYR D 95 7.21 17.40 8.38
C TYR D 95 7.87 18.77 8.34
N SER D 96 9.09 18.84 7.80
CA SER D 96 9.74 20.13 7.59
C SER D 96 8.92 21.01 6.66
N LEU D 97 8.37 20.42 5.59
CA LEU D 97 7.55 21.19 4.66
C LEU D 97 6.21 21.59 5.30
N LEU D 98 5.63 20.73 6.14
CA LEU D 98 4.41 21.11 6.84
C LEU D 98 4.66 22.30 7.77
N SER D 99 5.72 22.23 8.55
N SER D 99 5.74 22.20 8.56
CA SER D 99 5.96 23.20 9.62
CA SER D 99 6.04 23.17 9.61
C SER D 99 6.73 24.42 9.15
C SER D 99 6.56 24.47 9.02
N GLY D 100 7.35 24.37 7.97
CA GLY D 100 8.06 25.49 7.43
C GLY D 100 9.49 25.65 7.89
N ASP D 101 10.06 24.66 8.55
CA ASP D 101 11.48 24.74 8.93
C ASP D 101 11.99 23.34 9.16
N SER D 102 13.32 23.24 9.29
CA SER D 102 14.01 21.96 9.35
C SER D 102 14.52 21.61 10.74
N SER D 103 14.04 22.30 11.78
CA SER D 103 14.61 22.09 13.10
C SER D 103 14.49 20.65 13.59
N VAL D 104 13.32 20.03 13.44
CA VAL D 104 13.13 18.67 13.92
C VAL D 104 13.93 17.69 13.07
N LEU D 105 13.89 17.86 11.74
CA LEU D 105 14.75 17.06 10.86
C LEU D 105 16.19 17.10 11.31
N GLU D 106 16.73 18.30 11.52
CA GLU D 106 18.14 18.41 11.88
C GLU D 106 18.43 17.83 13.26
N ASP D 107 17.53 18.06 14.23
N ASP D 107 17.55 18.08 14.24
CA ASP D 107 17.81 17.72 15.61
CA ASP D 107 17.85 17.68 15.60
C ASP D 107 17.50 16.26 15.93
C ASP D 107 17.55 16.21 15.84
N ARG D 108 16.39 15.74 15.42
CA ARG D 108 15.93 14.41 15.78
C ARG D 108 16.37 13.34 14.79
N CYS D 109 16.61 13.71 13.54
CA CYS D 109 16.95 12.75 12.49
C CYS D 109 18.41 12.81 12.07
N LEU D 110 18.96 14.01 11.85
CA LEU D 110 20.27 14.13 11.21
C LEU D 110 21.44 14.30 12.16
N ASN D 111 21.23 14.81 13.36
CA ASN D 111 22.34 15.15 14.23
C ASN D 111 23.05 13.88 14.71
N GLY D 112 24.27 13.66 14.23
CA GLY D 112 24.99 12.44 14.53
C GLY D 112 24.77 11.31 13.55
N LEU D 113 23.96 11.52 12.51
CA LEU D 113 23.68 10.43 11.59
C LEU D 113 24.89 10.08 10.73
N LYS D 114 25.68 11.07 10.33
CA LYS D 114 26.89 10.80 9.55
C LYS D 114 27.77 9.79 10.30
N GLU D 115 28.02 10.03 11.58
N GLU D 115 28.00 10.04 11.58
CA GLU D 115 28.89 9.14 12.34
CA GLU D 115 28.87 9.17 12.38
C GLU D 115 28.24 7.78 12.53
C GLU D 115 28.25 7.80 12.58
N THR D 116 26.92 7.76 12.76
CA THR D 116 26.22 6.48 12.87
C THR D 116 26.44 5.64 11.63
N TYR D 117 26.24 6.22 10.46
CA TYR D 117 26.38 5.45 9.23
C TYR D 117 27.84 5.06 8.98
N SER D 118 28.77 5.98 9.25
N SER D 118 28.79 5.94 9.30
CA SER D 118 30.18 5.69 8.98
CA SER D 118 30.19 5.58 9.15
C SER D 118 30.65 4.50 9.80
C SER D 118 30.53 4.35 9.98
N SER D 119 30.19 4.38 11.04
N SER D 119 30.18 4.38 11.27
CA SER D 119 30.62 3.32 11.93
CA SER D 119 30.52 3.26 12.15
C SER D 119 29.92 1.99 11.64
C SER D 119 29.91 1.97 11.67
N LEU D 120 28.73 2.02 11.05
CA LEU D 120 28.09 0.82 10.54
C LEU D 120 28.62 0.41 9.17
N GLY D 121 29.36 1.28 8.48
CA GLY D 121 29.78 0.96 7.13
C GLY D 121 28.71 1.15 6.08
N VAL D 122 27.67 1.93 6.37
CA VAL D 122 26.60 2.22 5.42
C VAL D 122 27.19 3.18 4.37
N PRO D 123 27.19 2.80 3.09
N PRO D 123 27.21 2.83 3.09
CA PRO D 123 27.90 3.60 2.07
CA PRO D 123 28.01 3.63 2.17
C PRO D 123 27.35 5.00 1.84
C PRO D 123 27.40 4.98 1.83
N ALA D 124 28.26 5.97 1.85
CA ALA D 124 27.87 7.36 1.62
C ALA D 124 27.36 7.59 0.20
N ALA D 125 28.00 7.01 -0.82
CA ALA D 125 27.56 7.28 -2.18
C ALA D 125 26.16 6.73 -2.41
N GLY D 126 25.88 5.53 -1.87
CA GLY D 126 24.54 4.96 -2.00
C GLY D 126 23.50 5.82 -1.30
N ASN D 127 23.80 6.23 -0.08
CA ASN D 127 22.88 7.09 0.66
C ASN D 127 22.62 8.37 -0.13
N ALA D 128 23.68 8.98 -0.64
CA ALA D 128 23.51 10.22 -1.37
C ALA D 128 22.60 10.02 -2.57
N ARG D 129 22.76 8.91 -3.28
CA ARG D 129 21.97 8.70 -4.47
C ARG D 129 20.51 8.41 -4.14
N ALA D 130 20.25 7.61 -3.11
CA ALA D 130 18.86 7.39 -2.69
C ALA D 130 18.19 8.71 -2.37
N VAL D 131 18.87 9.57 -1.61
CA VAL D 131 18.33 10.89 -1.29
C VAL D 131 18.10 11.72 -2.54
N ALA D 132 19.05 11.70 -3.48
CA ALA D 132 18.90 12.46 -4.70
C ALA D 132 17.69 12.00 -5.52
N ILE D 133 17.45 10.69 -5.57
CA ILE D 133 16.30 10.21 -6.32
C ILE D 133 15.01 10.62 -5.62
N MET D 134 14.96 10.50 -4.30
CA MET D 134 13.77 10.96 -3.58
C MET D 134 13.55 12.44 -3.82
N LYS D 135 14.62 13.24 -3.82
CA LYS D 135 14.49 14.67 -4.06
CA LYS D 135 14.50 14.67 -4.07
C LYS D 135 13.85 14.94 -5.42
N ALA D 136 14.32 14.26 -6.46
CA ALA D 136 13.77 14.46 -7.80
C ALA D 136 12.32 14.01 -7.88
N THR D 137 12.00 12.88 -7.26
CA THR D 137 10.64 12.35 -7.33
C THR D 137 9.67 13.27 -6.60
N VAL D 138 10.07 13.74 -5.42
CA VAL D 138 9.26 14.70 -4.68
C VAL D 138 9.04 15.95 -5.49
N ASN D 139 10.08 16.45 -6.16
CA ASN D 139 9.92 17.66 -6.95
C ASN D 139 8.83 17.46 -8.00
N SER D 140 8.85 16.34 -8.70
N SER D 140 8.83 16.32 -8.65
CA SER D 140 7.82 16.08 -9.70
CA SER D 140 7.84 16.05 -9.69
C SER D 140 6.45 15.98 -9.05
C SER D 140 6.45 15.87 -9.12
N PHE D 141 6.32 15.23 -7.95
CA PHE D 141 5.00 15.10 -7.35
C PHE D 141 4.47 16.46 -6.88
N ILE D 142 5.31 17.29 -6.26
CA ILE D 142 4.85 18.62 -5.83
C ILE D 142 4.35 19.42 -7.03
N ASN D 143 5.07 19.36 -8.15
CA ASN D 143 4.69 20.08 -9.37
C ASN D 143 3.66 19.36 -10.20
N ASN D 144 3.20 18.19 -9.76
CA ASN D 144 2.26 17.34 -10.49
C ASN D 144 2.73 17.00 -11.90
N THR D 145 4.03 16.70 -12.05
CA THR D 145 4.60 16.34 -13.33
C THR D 145 5.04 14.88 -13.42
N ALA D 146 4.64 14.04 -12.47
CA ALA D 146 4.98 12.63 -12.59
C ALA D 146 4.25 12.01 -13.78
N GLN D 147 4.83 10.94 -14.30
N GLN D 147 4.82 10.93 -14.32
CA GLN D 147 4.31 10.35 -15.53
CA GLN D 147 4.29 10.37 -15.57
C GLN D 147 3.00 9.59 -15.31
C GLN D 147 3.06 9.49 -15.37
N GLN D 148 2.90 8.85 -14.22
CA GLN D 148 1.77 7.97 -13.98
C GLN D 148 0.81 8.55 -12.95
N LYS D 149 1.27 8.76 -11.72
CA LYS D 149 0.39 9.17 -10.63
CA LYS D 149 0.40 9.17 -10.63
C LYS D 149 0.28 10.69 -10.57
N LYS D 150 -0.97 11.15 -10.57
N LYS D 150 -0.97 11.17 -10.59
CA LYS D 150 -1.32 12.56 -10.62
CA LYS D 150 -1.29 12.57 -10.63
C LYS D 150 -2.08 12.95 -9.36
C LYS D 150 -2.08 12.96 -9.38
N LEU D 151 -2.05 14.25 -9.10
CA LEU D 151 -2.76 14.87 -7.99
C LEU D 151 -3.64 15.96 -8.56
N SER D 152 -4.93 15.96 -8.20
CA SER D 152 -5.87 16.95 -8.69
C SER D 152 -5.96 18.10 -7.69
N VAL D 153 -5.51 19.27 -8.11
CA VAL D 153 -5.45 20.48 -7.28
C VAL D 153 -5.74 21.66 -8.17
N PRO D 154 -6.09 22.81 -7.60
CA PRO D 154 -6.32 24.01 -8.43
C PRO D 154 -5.05 24.37 -9.16
N SER D 155 -5.20 24.84 -10.40
N SER D 155 -5.21 24.85 -10.40
N SER D 155 -5.22 24.83 -10.40
CA SER D 155 -4.01 25.08 -11.21
CA SER D 155 -4.06 25.15 -11.23
CA SER D 155 -4.05 25.15 -11.23
C SER D 155 -3.24 26.29 -10.72
C SER D 155 -3.24 26.30 -10.65
C SER D 155 -3.24 26.28 -10.61
N GLY D 156 -1.92 26.16 -10.67
CA GLY D 156 -1.05 27.25 -10.29
C GLY D 156 0.38 26.78 -10.18
N ASP D 157 1.19 27.56 -9.46
N ASP D 157 1.22 27.63 -9.61
CA ASP D 157 2.65 27.46 -9.44
CA ASP D 157 2.63 27.32 -9.50
C ASP D 157 3.15 27.17 -8.02
C ASP D 157 2.93 26.95 -8.06
N CYS D 158 3.72 25.97 -7.82
N CYS D 158 3.81 25.96 -7.90
CA CYS D 158 4.26 25.57 -6.52
CA CYS D 158 4.27 25.52 -6.59
C CYS D 158 5.79 25.54 -6.50
C CYS D 158 5.79 25.53 -6.53
N SER D 159 6.42 26.34 -7.39
CA SER D 159 7.87 26.37 -7.48
C SER D 159 8.54 26.70 -6.16
N ALA D 160 7.97 27.63 -5.41
CA ALA D 160 8.62 28.03 -4.16
C ALA D 160 8.61 26.88 -3.16
N LEU D 161 7.47 26.22 -3.01
CA LEU D 161 7.39 25.06 -2.13
C LEU D 161 8.30 23.93 -2.61
N ALA D 162 8.37 23.73 -3.93
CA ALA D 162 9.26 22.69 -4.44
C ALA D 162 10.71 23.02 -4.09
N SER D 163 11.11 24.28 -4.26
N SER D 163 11.11 24.27 -4.27
CA SER D 163 12.47 24.68 -3.90
CA SER D 163 12.47 24.67 -3.90
C SER D 163 12.73 24.52 -2.41
C SER D 163 12.71 24.46 -2.41
N GLU D 164 11.72 24.81 -1.58
CA GLU D 164 11.87 24.66 -0.14
C GLU D 164 12.07 23.20 0.22
N ALA D 165 11.26 22.32 -0.36
CA ALA D 165 11.45 20.89 -0.13
C ALA D 165 12.84 20.43 -0.57
N GLY D 166 13.29 20.91 -1.74
CA GLY D 166 14.62 20.56 -2.19
C GLY D 166 15.70 20.98 -1.21
N GLY D 167 15.54 22.16 -0.61
CA GLY D 167 16.49 22.60 0.41
C GLY D 167 16.55 21.67 1.61
N TYR D 168 15.41 21.10 2.00
CA TYR D 168 15.42 20.15 3.11
C TYR D 168 16.17 18.87 2.72
N PHE D 169 15.97 18.38 1.50
CA PHE D 169 16.78 17.26 1.04
C PHE D 169 18.27 17.62 1.03
N ASP D 170 18.60 18.86 0.66
CA ASP D 170 20.00 19.26 0.64
C ASP D 170 20.60 19.19 2.04
N LYS D 171 19.81 19.52 3.08
N LYS D 171 19.82 19.50 3.08
CA LYS D 171 20.30 19.37 4.45
CA LYS D 171 20.31 19.37 4.44
C LYS D 171 20.60 17.91 4.77
C LYS D 171 20.61 17.91 4.78
N VAL D 172 19.80 16.99 4.25
CA VAL D 172 20.08 15.57 4.44
C VAL D 172 21.39 15.20 3.74
N THR D 173 21.52 15.58 2.47
N THR D 173 21.54 15.61 2.48
CA THR D 173 22.72 15.24 1.70
CA THR D 173 22.74 15.28 1.73
C THR D 173 23.97 15.74 2.39
C THR D 173 24.00 15.81 2.41
N SER D 174 23.96 16.97 2.88
N SER D 174 23.94 17.04 2.94
CA SER D 174 25.11 17.50 3.60
CA SER D 174 25.11 17.61 3.58
C SER D 174 25.48 16.57 4.76
C SER D 174 25.32 17.05 4.98
N ALA D 175 24.49 16.03 5.45
N ALA D 175 24.25 16.75 5.70
CA ALA D 175 24.73 15.04 6.49
CA ALA D 175 24.38 16.13 7.02
C ALA D 175 24.89 13.66 5.86
C ALA D 175 25.02 14.76 6.91
#